data_3G2W
#
_entry.id   3G2W
#
_cell.length_a   47.800
_cell.length_b   72.900
_cell.length_c   103.500
_cell.angle_alpha   90.00
_cell.angle_beta   90.00
_cell.angle_gamma   90.00
#
_symmetry.space_group_name_H-M   'P 21 21 21'
#
loop_
_entity.id
_entity.type
_entity.pdbx_description
1 polymer 'ADP-ribosylation factor-binding protein GGA1'
2 polymer 'Internal peptide of the Hinge domain of ADP-ribosylation factor-binding protein GGA1'
3 water water
#
loop_
_entity_poly.entity_id
_entity_poly.type
_entity_poly.pdbx_seq_one_letter_code
_entity_poly.pdbx_strand_id
1 'polypeptide(L)'
;GSMEPAMEPETLEARINRATNPLNKELDWASINGFCEQLNEDFEGPPLATRLLAHKIQSPQEWEAIQALTVLETCMKSCG
KRFHDEVGKFRFLNELIKVVSPKYLGSRTSEKVKNKILELLYSWTVGLPEEVKIAEAYQMLKKQGIVKS
;
A,B
2 'polypeptide(L)' SASV(SEP)LLDDELMSL C,D
#
# COMPACT_ATOMS: atom_id res chain seq x y z
N PRO A 9 21.64 -5.15 14.47
CA PRO A 9 21.43 -3.97 13.62
C PRO A 9 20.08 -3.96 12.89
N GLU A 10 19.30 -2.91 13.12
CA GLU A 10 17.91 -2.89 12.67
C GLU A 10 17.81 -3.07 11.17
N THR A 11 17.02 -4.06 10.77
CA THR A 11 16.58 -4.17 9.39
C THR A 11 15.97 -2.85 8.94
N LEU A 12 15.92 -2.66 7.63
CA LEU A 12 15.22 -1.51 7.08
C LEU A 12 13.74 -1.55 7.48
N GLU A 13 13.15 -2.74 7.38
CA GLU A 13 11.77 -2.96 7.82
C GLU A 13 11.52 -2.50 9.25
N ALA A 14 12.26 -3.05 10.20
CA ALA A 14 12.11 -2.64 11.59
C ALA A 14 12.17 -1.11 11.71
N ARG A 15 13.11 -0.52 10.99
CA ARG A 15 13.43 0.89 11.13
C ARG A 15 12.26 1.73 10.65
N ILE A 16 11.86 1.48 9.40
CA ILE A 16 10.74 2.17 8.74
C ILE A 16 9.45 2.04 9.55
N ASN A 17 9.32 0.93 10.28
CA ASN A 17 8.09 0.66 11.03
C ASN A 17 8.02 1.49 12.31
N ARG A 18 9.18 1.82 12.87
CA ARG A 18 9.30 2.73 14.00
C ARG A 18 9.18 4.19 13.59
N ALA A 19 9.70 4.52 12.41
CA ALA A 19 9.68 5.90 11.97
C ALA A 19 8.30 6.32 11.46
N THR A 20 7.47 5.35 11.10
CA THR A 20 6.18 5.69 10.45
C THR A 20 4.98 5.22 11.26
N ASN A 21 5.30 4.76 12.46
CA ASN A 21 4.34 4.16 13.39
C ASN A 21 3.27 5.18 13.72
N PRO A 22 2.01 4.85 13.40
CA PRO A 22 0.89 5.78 13.56
C PRO A 22 0.57 6.08 15.02
N LEU A 23 1.17 5.33 15.94
CA LEU A 23 1.08 5.63 17.36
C LEU A 23 1.95 6.82 17.82
N ASN A 24 2.91 7.23 16.98
CA ASN A 24 3.93 8.23 17.34
C ASN A 24 3.35 9.60 17.64
N LYS A 25 3.65 10.14 18.82
CA LYS A 25 3.20 11.48 19.17
C LYS A 25 3.99 12.59 18.49
N GLU A 26 5.25 12.34 18.18
CA GLU A 26 6.07 13.31 17.48
C GLU A 26 6.99 12.56 16.54
N LEU A 27 7.67 13.29 15.67
CA LEU A 27 8.63 12.68 14.76
C LEU A 27 9.81 12.06 15.50
N ASP A 28 10.20 10.87 15.06
CA ASP A 28 11.16 10.02 15.74
C ASP A 28 12.49 10.03 14.96
N TRP A 29 13.40 10.91 15.36
CA TRP A 29 14.60 11.15 14.56
C TRP A 29 15.59 9.98 14.64
N ALA A 30 15.72 9.43 15.84
CA ALA A 30 16.46 8.17 16.03
C ALA A 30 16.21 7.16 14.92
N SER A 31 14.95 6.97 14.51
CA SER A 31 14.61 5.98 13.50
C SER A 31 14.50 6.51 12.07
N ILE A 32 14.11 7.77 11.93
CA ILE A 32 14.13 8.40 10.63
C ILE A 32 15.55 8.31 10.11
N ASN A 33 16.49 8.74 10.96
CA ASN A 33 17.88 8.88 10.59
C ASN A 33 18.61 7.52 10.56
N GLY A 34 18.29 6.62 11.49
CA GLY A 34 18.84 5.26 11.42
C GLY A 34 18.50 4.52 10.13
N PHE A 35 17.46 5.00 9.44
CA PHE A 35 16.92 4.38 8.23
C PHE A 35 17.76 4.79 7.03
N CYS A 36 17.93 6.10 6.86
CA CYS A 36 18.93 6.67 5.97
C CYS A 36 20.35 6.12 6.08
N GLU A 37 20.87 6.02 7.30
CA GLU A 37 22.13 5.34 7.57
C GLU A 37 22.19 3.90 7.08
N GLN A 38 21.16 3.12 7.41
CA GLN A 38 21.21 1.67 7.22
C GLN A 38 21.04 1.31 5.75
N LEU A 39 20.15 2.02 5.06
CA LEU A 39 19.95 1.87 3.62
C LEU A 39 21.25 2.09 2.88
N ASN A 40 22.13 2.87 3.49
CA ASN A 40 23.40 3.28 2.91
C ASN A 40 24.50 2.25 3.19
N GLU A 41 24.29 1.44 4.20
CA GLU A 41 25.17 0.32 4.51
C GLU A 41 25.35 -0.67 3.36
N ASP A 42 24.25 -1.23 2.86
CA ASP A 42 24.32 -2.30 1.87
C ASP A 42 24.07 -1.86 0.41
N PHE A 43 24.66 -2.60 -0.52
CA PHE A 43 24.46 -2.40 -1.96
C PHE A 43 22.97 -2.27 -2.25
N GLU A 44 22.19 -3.07 -1.52
CA GLU A 44 20.80 -3.34 -1.89
C GLU A 44 19.82 -2.59 -1.00
N GLY A 45 20.35 -1.77 -0.10
CA GLY A 45 19.53 -0.92 0.75
C GLY A 45 18.65 -0.01 -0.07
N PRO A 46 19.24 0.72 -1.02
CA PRO A 46 18.46 1.71 -1.76
C PRO A 46 17.22 1.17 -2.46
N PRO A 47 17.33 0.08 -3.25
CA PRO A 47 16.13 -0.54 -3.80
C PRO A 47 15.10 -1.00 -2.75
N LEU A 48 15.55 -1.59 -1.65
CA LEU A 48 14.65 -2.07 -0.60
C LEU A 48 13.96 -0.88 0.09
N ALA A 49 14.76 0.08 0.53
CA ALA A 49 14.26 1.30 1.16
C ALA A 49 13.19 2.00 0.32
N THR A 50 13.37 1.97 -1.00
CA THR A 50 12.49 2.68 -1.90
C THR A 50 11.17 1.94 -2.08
N ARG A 51 11.28 0.61 -2.09
CA ARG A 51 10.12 -0.27 -2.07
C ARG A 51 9.30 -0.11 -0.78
N LEU A 52 9.97 -0.02 0.37
CA LEU A 52 9.26 0.09 1.65
C LEU A 52 8.54 1.43 1.84
N LEU A 53 9.05 2.48 1.22
CA LEU A 53 8.56 3.84 1.39
C LEU A 53 7.31 4.05 0.55
N ALA A 54 7.28 3.35 -0.57
CA ALA A 54 6.22 3.52 -1.53
C ALA A 54 4.96 2.93 -0.91
N HIS A 55 5.09 1.74 -0.33
CA HIS A 55 3.96 1.15 0.38
C HIS A 55 3.43 2.07 1.48
N LYS A 56 4.32 2.67 2.27
CA LYS A 56 3.88 3.42 3.44
C LYS A 56 3.18 4.72 3.02
N ILE A 57 3.62 5.27 1.89
CA ILE A 57 3.15 6.56 1.43
C ILE A 57 1.75 6.45 0.83
N GLN A 58 1.45 5.25 0.36
CA GLN A 58 0.09 4.89 -0.05
C GLN A 58 -0.82 4.42 1.06
N SER A 59 -0.40 4.51 2.32
CA SER A 59 -1.26 4.19 3.45
C SER A 59 -2.51 5.07 3.51
N PRO A 60 -3.68 4.46 3.79
CA PRO A 60 -4.92 5.21 4.02
C PRO A 60 -4.94 5.98 5.35
N GLN A 61 -3.95 5.68 6.18
CA GLN A 61 -3.81 6.26 7.51
C GLN A 61 -2.78 7.37 7.38
N GLU A 62 -3.17 8.60 7.70
CA GLU A 62 -2.52 9.79 7.18
C GLU A 62 -1.15 10.05 7.80
N TRP A 63 -1.04 9.79 9.09
CA TRP A 63 0.17 10.05 9.86
C TRP A 63 1.27 9.06 9.45
N GLU A 64 0.89 7.81 9.17
CA GLU A 64 1.76 6.89 8.43
C GLU A 64 2.32 7.49 7.13
N ALA A 65 1.44 7.82 6.18
CA ALA A 65 1.82 8.50 4.94
C ALA A 65 2.71 9.75 5.10
N ILE A 66 2.38 10.55 6.12
CA ILE A 66 3.06 11.81 6.39
C ILE A 66 4.48 11.63 6.92
N GLN A 67 4.63 10.73 7.90
CA GLN A 67 5.93 10.38 8.43
C GLN A 67 6.82 9.69 7.41
N ALA A 68 6.19 8.91 6.53
CA ALA A 68 6.91 8.24 5.45
C ALA A 68 7.58 9.26 4.55
N LEU A 69 6.87 10.34 4.27
CA LEU A 69 7.34 11.30 3.28
C LEU A 69 8.45 12.16 3.87
N THR A 70 8.33 12.44 5.17
CA THR A 70 9.44 12.93 5.99
C THR A 70 10.71 12.10 5.85
N VAL A 71 10.59 10.79 5.98
CA VAL A 71 11.74 9.91 5.80
C VAL A 71 12.29 10.00 4.38
N LEU A 72 11.43 9.86 3.37
CA LEU A 72 11.80 10.19 1.99
C LEU A 72 12.55 11.53 1.88
N GLU A 73 11.96 12.59 2.42
CA GLU A 73 12.57 13.92 2.33
C GLU A 73 13.99 13.98 2.92
N THR A 74 14.11 13.50 4.15
CA THR A 74 15.38 13.34 4.86
C THR A 74 16.46 12.55 4.11
N CYS A 75 16.13 11.35 3.65
CA CYS A 75 17.13 10.54 2.96
C CYS A 75 17.57 11.13 1.61
N MET A 76 16.67 11.84 0.93
CA MET A 76 17.07 12.58 -0.28
C MET A 76 18.10 13.69 -0.04
N LYS A 77 17.99 14.36 1.11
CA LYS A 77 18.93 15.41 1.50
C LYS A 77 20.31 14.84 1.81
N SER A 78 20.33 13.79 2.62
CA SER A 78 21.54 13.39 3.30
C SER A 78 22.25 12.24 2.59
N CYS A 79 21.48 11.37 1.95
CA CYS A 79 22.06 10.24 1.22
C CYS A 79 22.65 10.66 -0.13
N GLY A 80 23.33 9.74 -0.80
CA GLY A 80 24.05 10.14 -2.00
C GLY A 80 23.46 9.65 -3.31
N LYS A 81 24.31 9.72 -4.35
CA LYS A 81 23.98 9.20 -5.67
C LYS A 81 23.06 7.99 -5.69
N ARG A 82 23.47 6.94 -4.98
CA ARG A 82 22.83 5.64 -5.05
C ARG A 82 21.34 5.71 -4.70
N PHE A 83 21.01 6.30 -3.54
CA PHE A 83 19.65 6.66 -3.23
C PHE A 83 18.94 7.54 -4.26
N HIS A 84 19.50 8.72 -4.52
CA HIS A 84 18.89 9.64 -5.47
C HIS A 84 18.51 8.89 -6.74
N ASP A 85 19.32 7.90 -7.13
CA ASP A 85 19.18 7.27 -8.44
C ASP A 85 18.06 6.26 -8.44
N GLU A 86 17.81 5.64 -7.29
CA GLU A 86 16.67 4.71 -7.12
C GLU A 86 15.35 5.46 -7.04
N VAL A 87 15.36 6.58 -6.33
CA VAL A 87 14.21 7.47 -6.33
C VAL A 87 13.86 8.00 -7.71
N GLY A 88 14.85 8.42 -8.49
CA GLY A 88 14.61 8.97 -9.82
C GLY A 88 14.45 7.95 -10.93
N LYS A 89 13.95 6.77 -10.55
CA LYS A 89 13.40 5.78 -11.46
C LYS A 89 11.87 5.81 -11.45
N PHE A 90 11.27 5.62 -12.62
CA PHE A 90 9.83 5.48 -12.73
C PHE A 90 9.21 4.35 -11.90
N ARG A 91 9.99 3.30 -11.67
CA ARG A 91 9.61 2.25 -10.73
C ARG A 91 9.14 2.85 -9.41
N PHE A 92 9.85 3.87 -8.91
CA PHE A 92 9.43 4.57 -7.70
C PHE A 92 8.49 5.78 -7.89
N LEU A 93 8.78 6.60 -8.89
CA LEU A 93 8.04 7.84 -9.12
C LEU A 93 6.56 7.58 -9.45
N ASN A 94 6.30 6.50 -10.20
CA ASN A 94 4.94 6.11 -10.57
C ASN A 94 4.00 5.85 -9.39
N GLU A 95 4.51 5.19 -8.37
CA GLU A 95 3.90 5.16 -7.03
C GLU A 95 3.56 6.51 -6.39
N LEU A 96 4.37 7.54 -6.61
CA LEU A 96 4.04 8.85 -6.06
C LEU A 96 2.92 9.48 -6.87
N ILE A 97 2.97 9.30 -8.19
CA ILE A 97 1.89 9.66 -9.12
C ILE A 97 0.52 9.03 -8.86
N LYS A 98 0.50 7.75 -8.48
CA LYS A 98 -0.77 7.09 -8.16
C LYS A 98 -1.45 7.79 -6.99
N VAL A 99 -0.67 8.32 -6.04
CA VAL A 99 -1.23 8.95 -4.85
C VAL A 99 -1.85 10.31 -5.19
N VAL A 100 -1.30 11.00 -6.16
CA VAL A 100 -1.75 12.36 -6.47
C VAL A 100 -2.77 12.42 -7.60
N SER A 101 -2.89 11.36 -8.39
CA SER A 101 -3.95 11.31 -9.42
C SER A 101 -5.30 10.82 -8.89
N PRO A 102 -6.35 11.62 -9.16
CA PRO A 102 -7.75 11.28 -8.91
C PRO A 102 -8.15 9.96 -9.59
N LYS A 103 -7.62 9.72 -10.78
CA LYS A 103 -7.69 8.42 -11.41
C LYS A 103 -7.29 7.27 -10.51
N TYR A 104 -6.13 7.36 -9.84
CA TYR A 104 -5.78 6.35 -8.85
C TYR A 104 -6.20 6.73 -7.45
N LEU A 105 -5.24 6.90 -6.54
CA LEU A 105 -5.58 7.08 -5.13
C LEU A 105 -6.02 8.50 -4.84
N GLY A 106 -5.87 9.36 -5.84
CA GLY A 106 -5.97 10.81 -5.63
C GLY A 106 -7.20 11.27 -4.87
N SER A 107 -8.28 10.50 -4.99
CA SER A 107 -9.61 10.98 -4.65
C SER A 107 -9.94 10.84 -3.17
N ARG A 108 -9.36 9.82 -2.55
CA ARG A 108 -9.45 9.68 -1.10
C ARG A 108 -8.09 9.79 -0.44
N THR A 109 -7.19 10.59 -1.01
CA THR A 109 -5.97 11.00 -0.32
C THR A 109 -6.14 12.44 0.10
N SER A 110 -5.79 12.74 1.36
CA SER A 110 -5.85 14.11 1.89
C SER A 110 -5.02 15.05 1.03
N GLU A 111 -5.38 16.32 0.97
CA GLU A 111 -4.54 17.30 0.31
C GLU A 111 -3.16 17.37 0.96
N LYS A 112 -3.12 17.22 2.28
CA LYS A 112 -1.87 17.24 3.03
C LYS A 112 -0.82 16.39 2.33
N VAL A 113 -1.19 15.14 2.07
CA VAL A 113 -0.26 14.15 1.55
C VAL A 113 0.10 14.46 0.10
N LYS A 114 -0.88 14.91 -0.68
CA LYS A 114 -0.63 15.13 -2.11
C LYS A 114 0.19 16.39 -2.34
N ASN A 115 -0.10 17.44 -1.58
CA ASN A 115 0.72 18.65 -1.56
C ASN A 115 2.15 18.36 -1.08
N LYS A 116 2.31 17.54 -0.05
CA LYS A 116 3.65 17.12 0.34
C LYS A 116 4.39 16.48 -0.84
N ILE A 117 3.75 15.55 -1.55
CA ILE A 117 4.44 14.87 -2.63
C ILE A 117 4.89 15.83 -3.74
N LEU A 118 4.03 16.79 -4.05
CA LEU A 118 4.27 17.71 -5.16
C LEU A 118 5.42 18.63 -4.81
N GLU A 119 5.46 19.03 -3.54
CA GLU A 119 6.48 19.95 -3.06
C GLU A 119 7.84 19.28 -3.15
N LEU A 120 7.91 18.03 -2.68
CA LEU A 120 9.10 17.20 -2.85
C LEU A 120 9.51 16.99 -4.32
N LEU A 121 8.57 16.61 -5.16
CA LEU A 121 8.86 16.60 -6.59
C LEU A 121 9.50 17.89 -7.09
N TYR A 122 8.94 19.03 -6.73
CA TYR A 122 9.48 20.28 -7.23
C TYR A 122 10.90 20.57 -6.77
N SER A 123 11.11 20.48 -5.47
CA SER A 123 12.40 20.76 -4.88
C SER A 123 13.51 19.86 -5.43
N TRP A 124 13.23 18.59 -5.67
CA TRP A 124 14.21 17.68 -6.28
C TRP A 124 14.49 18.01 -7.76
N THR A 125 13.60 18.72 -8.44
CA THR A 125 13.86 19.09 -9.83
C THR A 125 14.81 20.28 -9.82
N VAL A 126 14.77 21.05 -8.74
CA VAL A 126 15.74 22.13 -8.56
C VAL A 126 17.00 21.63 -7.85
N GLY A 127 16.84 20.92 -6.74
CA GLY A 127 17.97 20.32 -6.05
C GLY A 127 18.79 19.32 -6.84
N LEU A 128 18.12 18.43 -7.59
CA LEU A 128 18.78 17.34 -8.31
C LEU A 128 18.60 17.35 -9.84
N PRO A 129 19.28 18.27 -10.52
CA PRO A 129 19.00 18.51 -11.95
C PRO A 129 19.23 17.25 -12.81
N GLU A 130 20.04 16.32 -12.31
CA GLU A 130 20.50 15.20 -13.12
C GLU A 130 19.52 14.03 -13.09
N GLU A 131 18.77 13.92 -12.00
CA GLU A 131 17.64 13.00 -11.94
C GLU A 131 16.54 13.40 -12.92
N VAL A 132 16.81 13.21 -14.20
CA VAL A 132 15.94 13.66 -15.30
C VAL A 132 14.55 13.03 -15.39
N LYS A 133 14.37 11.84 -14.81
CA LYS A 133 13.05 11.22 -14.68
C LYS A 133 12.16 11.93 -13.69
N ILE A 134 12.78 12.54 -12.68
CA ILE A 134 12.03 13.40 -11.76
C ILE A 134 11.48 14.66 -12.47
N ALA A 135 12.31 15.33 -13.25
CA ALA A 135 11.83 16.46 -14.05
C ALA A 135 10.61 16.05 -14.86
N GLU A 136 10.72 14.92 -15.53
CA GLU A 136 9.70 14.42 -16.44
C GLU A 136 8.39 14.08 -15.74
N ALA A 137 8.49 13.40 -14.60
CA ALA A 137 7.31 13.16 -13.79
C ALA A 137 6.63 14.50 -13.50
N TYR A 138 7.40 15.47 -13.04
CA TYR A 138 6.82 16.71 -12.56
C TYR A 138 6.20 17.52 -13.70
N GLN A 139 6.89 17.57 -14.84
CA GLN A 139 6.35 18.22 -16.02
C GLN A 139 5.06 17.54 -16.45
N MET A 140 5.03 16.21 -16.33
CA MET A 140 3.80 15.49 -16.65
C MET A 140 2.60 15.87 -15.77
N LEU A 141 2.80 15.94 -14.45
CA LEU A 141 1.75 16.43 -13.55
C LEU A 141 1.39 17.89 -13.85
N LYS A 142 2.41 18.73 -14.03
CA LYS A 142 2.19 20.13 -14.36
C LYS A 142 1.32 20.27 -15.61
N LYS A 143 1.69 19.54 -16.64
CA LYS A 143 1.07 19.68 -17.96
C LYS A 143 -0.34 19.09 -17.95
N GLN A 144 -0.61 18.25 -16.97
CA GLN A 144 -1.93 17.66 -16.76
C GLN A 144 -2.86 18.43 -15.81
N GLY A 145 -2.34 19.44 -15.12
CA GLY A 145 -3.17 20.27 -14.24
C GLY A 145 -3.13 19.92 -12.77
N ILE A 146 -2.37 18.89 -12.42
CA ILE A 146 -2.29 18.45 -11.02
C ILE A 146 -1.44 19.43 -10.20
N VAL A 147 -0.19 19.61 -10.64
CA VAL A 147 0.61 20.78 -10.26
C VAL A 147 -0.15 22.05 -10.65
N GLU B 10 -11.01 1.11 21.08
CA GLU B 10 -10.00 1.58 20.09
C GLU B 10 -10.67 1.84 18.75
N THR B 11 -9.88 2.34 17.79
CA THR B 11 -10.38 2.54 16.43
C THR B 11 -10.09 1.31 15.55
N LEU B 12 -10.77 1.25 14.41
CA LEU B 12 -10.49 0.18 13.45
C LEU B 12 -9.00 0.19 13.09
N GLU B 13 -8.46 1.39 12.96
CA GLU B 13 -7.07 1.57 12.57
C GLU B 13 -6.13 1.02 13.64
N ALA B 14 -6.27 1.52 14.87
CA ALA B 14 -5.57 0.94 16.01
C ALA B 14 -5.73 -0.57 16.05
N ARG B 15 -6.96 -1.04 15.79
CA ARG B 15 -7.26 -2.45 15.82
C ARG B 15 -6.60 -3.24 14.70
N ILE B 16 -6.63 -2.69 13.49
CA ILE B 16 -6.00 -3.34 12.35
C ILE B 16 -4.49 -3.38 12.52
N ASN B 17 -3.94 -2.27 13.00
CA ASN B 17 -2.50 -2.16 13.21
C ASN B 17 -2.00 -3.19 14.24
N ARG B 18 -2.83 -3.49 15.24
CA ARG B 18 -2.47 -4.51 16.21
C ARG B 18 -2.54 -5.91 15.57
N ALA B 19 -3.59 -6.12 14.79
CA ALA B 19 -3.95 -7.46 14.30
C ALA B 19 -2.96 -7.99 13.26
N THR B 20 -2.23 -7.10 12.59
CA THR B 20 -1.36 -7.48 11.48
C THR B 20 0.09 -7.03 11.70
N ASN B 21 0.36 -6.58 12.91
CA ASN B 21 1.70 -6.19 13.29
C ASN B 21 2.76 -7.16 12.77
N PRO B 22 3.79 -6.65 12.09
CA PRO B 22 4.89 -7.53 11.71
C PRO B 22 5.73 -8.01 12.90
N LEU B 23 5.52 -7.40 14.07
CA LEU B 23 6.22 -7.84 15.28
C LEU B 23 5.63 -9.06 15.97
N ASN B 24 4.31 -9.27 15.85
CA ASN B 24 3.63 -10.44 16.41
C ASN B 24 4.39 -11.75 16.19
N LYS B 25 4.54 -12.56 17.24
CA LYS B 25 5.13 -13.89 17.06
C LYS B 25 4.13 -15.01 16.78
N GLU B 26 2.85 -14.67 16.72
CA GLU B 26 1.80 -15.59 16.27
C GLU B 26 0.53 -14.79 16.02
N LEU B 27 -0.49 -15.42 15.45
CA LEU B 27 -1.78 -14.74 15.27
C LEU B 27 -2.35 -14.24 16.60
N ASP B 28 -2.86 -13.01 16.54
CA ASP B 28 -3.42 -12.34 17.71
C ASP B 28 -4.93 -12.30 17.53
N TRP B 29 -5.61 -13.32 18.04
CA TRP B 29 -7.02 -13.50 17.73
C TRP B 29 -7.94 -12.54 18.49
N ALA B 30 -7.55 -12.17 19.71
CA ALA B 30 -8.14 -11.00 20.36
C ALA B 30 -8.29 -9.84 19.37
N SER B 31 -7.20 -9.45 18.73
CA SER B 31 -7.23 -8.25 17.90
C SER B 31 -8.03 -8.45 16.62
N ILE B 32 -7.69 -9.50 15.89
CA ILE B 32 -8.46 -10.00 14.75
C ILE B 32 -9.98 -9.96 14.96
N ASN B 33 -10.45 -10.66 15.98
CA ASN B 33 -11.87 -10.75 16.27
C ASN B 33 -12.49 -9.39 16.61
N GLY B 34 -11.89 -8.66 17.54
CA GLY B 34 -12.35 -7.31 17.88
C GLY B 34 -12.45 -6.37 16.69
N PHE B 35 -11.55 -6.52 15.72
CA PHE B 35 -11.66 -5.81 14.43
C PHE B 35 -12.94 -6.19 13.71
N CYS B 36 -13.21 -7.48 13.60
CA CYS B 36 -14.41 -7.97 12.93
C CYS B 36 -15.70 -7.55 13.62
N GLU B 37 -15.73 -7.55 14.96
CA GLU B 37 -16.88 -7.02 15.67
C GLU B 37 -17.05 -5.51 15.46
N GLN B 38 -15.95 -4.76 15.53
CA GLN B 38 -16.01 -3.31 15.52
C GLN B 38 -16.48 -2.71 14.19
N LEU B 39 -16.34 -3.46 13.11
CA LEU B 39 -16.64 -2.96 11.77
C LEU B 39 -18.12 -3.07 11.41
N ASN B 40 -18.72 -4.22 11.72
CA ASN B 40 -20.11 -4.50 11.35
C ASN B 40 -21.03 -3.85 12.36
N GLU B 41 -20.44 -3.10 13.28
CA GLU B 41 -21.21 -2.33 14.25
C GLU B 41 -21.50 -0.89 13.81
N ASP B 42 -20.53 -0.23 13.18
CA ASP B 42 -20.76 1.11 12.67
C ASP B 42 -20.85 1.08 11.15
N PHE B 43 -21.56 2.04 10.56
CA PHE B 43 -21.81 1.96 9.12
C PHE B 43 -20.98 2.85 8.19
N GLU B 44 -20.11 3.66 8.78
CA GLU B 44 -18.88 4.06 8.11
C GLU B 44 -17.86 2.93 8.08
N GLY B 45 -18.12 1.88 8.88
CA GLY B 45 -17.09 0.95 9.32
C GLY B 45 -16.66 -0.01 8.23
N PRO B 46 -17.61 -0.75 7.63
CA PRO B 46 -17.32 -1.74 6.60
C PRO B 46 -16.48 -1.23 5.41
N PRO B 47 -16.81 -0.06 4.85
CA PRO B 47 -15.97 0.52 3.79
C PRO B 47 -14.55 0.87 4.25
N LEU B 48 -14.40 1.30 5.50
CA LEU B 48 -13.12 1.79 6.00
C LEU B 48 -12.19 0.59 6.18
N ALA B 49 -12.79 -0.49 6.67
CA ALA B 49 -12.17 -1.80 6.85
C ALA B 49 -11.57 -2.40 5.57
N THR B 50 -12.32 -2.37 4.48
CA THR B 50 -11.80 -2.82 3.21
C THR B 50 -10.59 -1.99 2.72
N ARG B 51 -10.67 -0.66 2.81
CA ARG B 51 -9.50 0.23 2.64
C ARG B 51 -8.30 -0.14 3.52
N LEU B 52 -8.50 -0.28 4.83
CA LEU B 52 -7.39 -0.60 5.71
C LEU B 52 -6.76 -1.93 5.28
N LEU B 53 -7.59 -2.89 4.90
CA LEU B 53 -7.16 -4.25 4.62
C LEU B 53 -6.46 -4.32 3.26
N ALA B 54 -6.99 -3.63 2.26
CA ALA B 54 -6.35 -3.59 0.96
C ALA B 54 -4.90 -3.13 1.09
N HIS B 55 -4.66 -1.98 1.72
CA HIS B 55 -3.31 -1.58 2.10
C HIS B 55 -2.40 -2.64 2.74
N LYS B 56 -2.81 -3.29 3.84
CA LYS B 56 -1.98 -4.34 4.47
C LYS B 56 -1.70 -5.57 3.60
N ILE B 57 -2.69 -5.91 2.78
CA ILE B 57 -2.59 -7.13 2.00
C ILE B 57 -1.51 -6.95 0.94
N GLN B 58 -1.29 -5.70 0.51
CA GLN B 58 -0.24 -5.33 -0.45
C GLN B 58 1.15 -5.05 0.10
N SER B 59 1.36 -5.24 1.40
CA SER B 59 2.64 -5.06 2.09
C SER B 59 3.76 -5.88 1.46
N PRO B 60 4.97 -5.30 1.39
CA PRO B 60 6.15 -6.03 0.96
C PRO B 60 6.71 -6.96 2.04
N GLN B 61 6.16 -6.88 3.25
CA GLN B 61 6.50 -7.78 4.36
C GLN B 61 5.46 -8.91 4.47
N GLU B 62 5.86 -10.09 4.06
CA GLU B 62 4.94 -11.21 3.95
C GLU B 62 4.00 -11.37 5.16
N TRP B 63 4.58 -11.50 6.34
CA TRP B 63 3.84 -11.68 7.59
C TRP B 63 2.72 -10.67 7.81
N GLU B 64 2.99 -9.39 7.52
CA GLU B 64 1.94 -8.37 7.58
C GLU B 64 0.76 -8.66 6.67
N ALA B 65 1.04 -8.80 5.38
CA ALA B 65 0.07 -9.30 4.40
C ALA B 65 -0.70 -10.58 4.81
N ILE B 66 0.00 -11.57 5.34
CA ILE B 66 -0.57 -12.86 5.70
C ILE B 66 -1.56 -12.70 6.85
N GLN B 67 -1.20 -11.85 7.81
CA GLN B 67 -2.11 -11.53 8.91
C GLN B 67 -3.37 -10.79 8.44
N ALA B 68 -3.18 -9.78 7.59
CA ALA B 68 -4.29 -9.06 7.00
C ALA B 68 -5.30 -10.01 6.35
N LEU B 69 -4.79 -11.03 5.67
CA LEU B 69 -5.67 -11.89 4.92
C LEU B 69 -6.40 -12.85 5.87
N THR B 70 -5.73 -13.26 6.94
CA THR B 70 -6.42 -14.01 7.97
C THR B 70 -7.57 -13.15 8.48
N VAL B 71 -7.30 -11.88 8.81
CA VAL B 71 -8.38 -10.98 9.22
C VAL B 71 -9.50 -10.94 8.18
N LEU B 72 -9.14 -10.53 6.96
CA LEU B 72 -10.05 -10.63 5.84
C LEU B 72 -10.91 -11.89 5.85
N GLU B 73 -10.27 -13.07 5.71
CA GLU B 73 -10.95 -14.37 5.81
C GLU B 73 -11.91 -14.48 7.00
N THR B 74 -11.41 -14.16 8.19
CA THR B 74 -12.20 -14.19 9.42
C THR B 74 -13.41 -13.26 9.35
N CYS B 75 -13.23 -12.04 8.85
CA CYS B 75 -14.33 -11.08 8.86
C CYS B 75 -15.43 -11.48 7.89
N MET B 76 -15.07 -12.24 6.85
CA MET B 76 -16.00 -12.63 5.80
C MET B 76 -16.88 -13.82 6.25
N LYS B 77 -16.38 -14.54 7.24
CA LYS B 77 -17.07 -15.69 7.81
C LYS B 77 -18.24 -15.27 8.68
N SER B 78 -18.26 -14.01 9.10
CA SER B 78 -19.45 -13.50 9.76
C SER B 78 -20.54 -13.01 8.80
N CYS B 79 -21.65 -12.56 9.36
CA CYS B 79 -22.92 -12.65 8.69
C CYS B 79 -23.89 -11.56 9.16
N GLY B 80 -23.80 -10.37 8.55
CA GLY B 80 -22.53 -9.76 8.13
C GLY B 80 -22.64 -9.10 6.75
N LYS B 81 -23.75 -8.41 6.48
CA LYS B 81 -24.11 -8.16 5.09
C LYS B 81 -23.37 -7.01 4.39
N ARG B 82 -23.46 -5.82 4.98
CA ARG B 82 -22.66 -4.68 4.52
C ARG B 82 -21.20 -5.00 4.19
N PHE B 83 -20.50 -5.70 5.08
CA PHE B 83 -19.13 -6.13 4.79
C PHE B 83 -19.00 -7.08 3.60
N HIS B 84 -19.91 -8.04 3.51
CA HIS B 84 -19.93 -8.95 2.38
C HIS B 84 -20.03 -8.11 1.11
N ASP B 85 -20.93 -7.13 1.16
CA ASP B 85 -21.19 -6.25 0.03
C ASP B 85 -19.97 -5.39 -0.31
N GLU B 86 -19.21 -4.97 0.70
CA GLU B 86 -18.12 -4.02 0.48
C GLU B 86 -16.98 -4.76 -0.23
N VAL B 87 -16.72 -5.98 0.21
CA VAL B 87 -15.69 -6.79 -0.40
C VAL B 87 -16.03 -7.18 -1.85
N GLY B 88 -17.32 -7.41 -2.11
CA GLY B 88 -17.79 -7.90 -3.41
C GLY B 88 -18.10 -6.72 -4.32
N LYS B 89 -17.21 -5.73 -4.23
CA LYS B 89 -17.14 -4.60 -5.11
C LYS B 89 -15.75 -4.62 -5.73
N PHE B 90 -15.69 -4.23 -7.00
CA PHE B 90 -14.44 -4.10 -7.75
C PHE B 90 -13.45 -3.11 -7.14
N ARG B 91 -13.93 -1.93 -6.78
CA ARG B 91 -13.28 -1.10 -5.76
C ARG B 91 -12.19 -1.83 -4.96
N PHE B 92 -12.59 -2.88 -4.26
CA PHE B 92 -11.66 -3.63 -3.41
C PHE B 92 -11.09 -4.88 -4.09
N LEU B 93 -11.81 -5.42 -5.07
CA LEU B 93 -11.45 -6.70 -5.65
C LEU B 93 -10.27 -6.48 -6.59
N ASN B 94 -10.23 -5.32 -7.23
CA ASN B 94 -9.12 -4.90 -8.08
C ASN B 94 -7.78 -4.91 -7.35
N GLU B 95 -7.85 -4.57 -6.07
CA GLU B 95 -6.68 -4.43 -5.20
C GLU B 95 -6.06 -5.79 -4.92
N LEU B 96 -6.91 -6.80 -4.86
CA LEU B 96 -6.49 -8.18 -4.61
C LEU B 96 -5.94 -8.74 -5.92
N ILE B 97 -6.53 -8.29 -7.02
CA ILE B 97 -6.07 -8.65 -8.37
C ILE B 97 -4.71 -8.05 -8.71
N LYS B 98 -4.49 -6.83 -8.25
CA LYS B 98 -3.15 -6.27 -8.35
C LYS B 98 -2.11 -7.19 -7.72
N VAL B 99 -2.41 -7.80 -6.57
CA VAL B 99 -1.39 -8.55 -5.85
C VAL B 99 -1.03 -9.83 -6.57
N VAL B 100 -1.98 -10.35 -7.34
CA VAL B 100 -1.85 -11.70 -7.90
C VAL B 100 -1.41 -11.64 -9.36
N SER B 101 -1.42 -10.44 -9.92
CA SER B 101 -1.08 -10.25 -11.33
C SER B 101 0.42 -9.98 -11.47
N PRO B 102 1.10 -10.71 -12.36
CA PRO B 102 2.51 -10.45 -12.63
C PRO B 102 2.71 -9.10 -13.32
N LYS B 103 1.75 -8.74 -14.18
CA LYS B 103 1.65 -7.38 -14.71
C LYS B 103 1.65 -6.29 -13.62
N TYR B 104 0.99 -6.55 -12.50
CA TYR B 104 0.95 -5.60 -11.39
C TYR B 104 1.95 -5.92 -10.29
N LEU B 105 1.46 -6.41 -9.16
CA LEU B 105 2.29 -6.66 -7.99
C LEU B 105 2.84 -8.08 -7.87
N GLY B 106 2.33 -9.00 -8.68
CA GLY B 106 2.49 -10.43 -8.43
C GLY B 106 3.88 -11.01 -8.70
N SER B 107 4.81 -10.16 -9.16
CA SER B 107 6.17 -10.58 -9.50
C SER B 107 7.06 -10.50 -8.27
N ARG B 108 6.69 -9.59 -7.37
CA ARG B 108 7.45 -9.35 -6.15
C ARG B 108 6.58 -9.75 -4.96
N THR B 109 5.73 -10.74 -5.18
CA THR B 109 4.86 -11.28 -4.14
C THR B 109 5.09 -12.78 -4.09
N SER B 110 4.94 -13.37 -2.91
CA SER B 110 5.08 -14.81 -2.74
C SER B 110 3.89 -15.64 -3.22
N GLU B 111 4.12 -16.93 -3.41
CA GLU B 111 3.09 -17.87 -3.80
C GLU B 111 2.13 -18.08 -2.65
N LYS B 112 2.70 -18.06 -1.45
CA LYS B 112 1.94 -18.20 -0.21
C LYS B 112 0.85 -17.15 -0.16
N VAL B 113 1.25 -15.88 -0.08
CA VAL B 113 0.31 -14.77 -0.25
C VAL B 113 -0.65 -14.87 -1.45
N LYS B 114 -0.13 -15.12 -2.64
CA LYS B 114 -0.99 -15.22 -3.82
C LYS B 114 -1.99 -16.38 -3.76
N ASN B 115 -1.52 -17.54 -3.31
CA ASN B 115 -2.38 -18.70 -3.24
C ASN B 115 -3.54 -18.54 -2.25
N LYS B 116 -3.26 -17.88 -1.14
CA LYS B 116 -4.26 -17.66 -0.09
C LYS B 116 -5.38 -16.73 -0.60
N ILE B 117 -5.00 -15.70 -1.33
CA ILE B 117 -5.94 -14.90 -2.09
C ILE B 117 -6.85 -15.73 -2.99
N LEU B 118 -6.26 -16.59 -3.82
CA LEU B 118 -7.02 -17.38 -4.78
C LEU B 118 -8.01 -18.30 -4.08
N GLU B 119 -7.49 -18.97 -3.05
CA GLU B 119 -8.27 -19.73 -2.09
C GLU B 119 -9.49 -18.97 -1.58
N LEU B 120 -9.26 -17.78 -1.01
CA LEU B 120 -10.34 -16.95 -0.45
C LEU B 120 -11.42 -16.63 -1.46
N LEU B 121 -10.99 -16.22 -2.65
CA LEU B 121 -11.88 -15.94 -3.78
C LEU B 121 -12.82 -17.10 -4.14
N TYR B 122 -12.25 -18.28 -4.38
CA TYR B 122 -13.06 -19.46 -4.67
C TYR B 122 -14.06 -19.79 -3.56
N SER B 123 -13.63 -19.76 -2.31
CA SER B 123 -14.57 -20.01 -1.22
C SER B 123 -15.78 -19.06 -1.20
N TRP B 124 -15.61 -17.83 -1.67
CA TRP B 124 -16.73 -16.88 -1.65
C TRP B 124 -17.65 -17.11 -2.85
N THR B 125 -17.06 -17.46 -4.00
CA THR B 125 -17.86 -17.83 -5.18
C THR B 125 -18.83 -18.92 -4.78
N VAL B 126 -18.41 -19.75 -3.83
CA VAL B 126 -19.19 -20.89 -3.34
C VAL B 126 -20.07 -20.49 -2.14
N GLY B 127 -19.44 -19.84 -1.17
CA GLY B 127 -20.14 -19.42 0.04
C GLY B 127 -21.22 -18.40 -0.28
N LEU B 128 -20.90 -17.42 -1.12
CA LEU B 128 -21.73 -16.23 -1.25
C LEU B 128 -21.93 -15.86 -2.70
N PRO B 129 -22.73 -16.65 -3.42
CA PRO B 129 -22.85 -16.57 -4.87
C PRO B 129 -23.72 -15.37 -5.31
N GLU B 130 -24.32 -14.69 -4.34
CA GLU B 130 -25.05 -13.47 -4.63
C GLU B 130 -24.08 -12.29 -4.74
N GLU B 131 -22.85 -12.50 -4.27
CA GLU B 131 -21.76 -11.57 -4.52
C GLU B 131 -21.19 -11.79 -5.92
N VAL B 132 -22.00 -11.42 -6.92
CA VAL B 132 -21.83 -11.89 -8.29
C VAL B 132 -20.56 -11.37 -8.95
N LYS B 133 -19.96 -10.34 -8.35
CA LYS B 133 -18.77 -9.69 -8.88
C LYS B 133 -17.51 -10.40 -8.43
N ILE B 134 -17.59 -11.04 -7.26
CA ILE B 134 -16.52 -11.90 -6.80
C ILE B 134 -16.35 -13.08 -7.77
N ALA B 135 -17.46 -13.69 -8.17
CA ALA B 135 -17.46 -14.69 -9.21
C ALA B 135 -16.85 -14.14 -10.51
N GLU B 136 -17.08 -12.84 -10.76
CA GLU B 136 -16.65 -12.23 -12.01
C GLU B 136 -15.13 -12.01 -11.99
N ALA B 137 -14.61 -11.56 -10.85
CA ALA B 137 -13.17 -11.46 -10.67
C ALA B 137 -12.52 -12.81 -10.91
N TYR B 138 -13.10 -13.83 -10.29
CA TYR B 138 -12.51 -15.17 -10.27
C TYR B 138 -12.50 -15.82 -11.66
N GLN B 139 -13.60 -15.66 -12.39
CA GLN B 139 -13.69 -16.24 -13.74
C GLN B 139 -12.65 -15.61 -14.66
N MET B 140 -12.32 -14.34 -14.40
CA MET B 140 -11.50 -13.57 -15.32
C MET B 140 -10.01 -13.82 -15.08
N LEU B 141 -9.65 -14.18 -13.85
CA LEU B 141 -8.30 -14.66 -13.56
C LEU B 141 -8.07 -16.03 -14.19
N LYS B 142 -8.84 -17.02 -13.74
CA LYS B 142 -9.02 -18.27 -14.49
C LYS B 142 -8.95 -18.15 -16.01
N LYS B 143 -9.60 -17.13 -16.56
CA LYS B 143 -9.58 -16.87 -17.99
C LYS B 143 -8.19 -16.44 -18.44
N GLN B 144 -7.28 -16.30 -17.47
CA GLN B 144 -5.91 -15.89 -17.79
C GLN B 144 -4.87 -16.92 -17.40
N GLY B 145 -5.31 -18.00 -16.76
CA GLY B 145 -4.38 -19.00 -16.25
C GLY B 145 -3.62 -18.45 -15.06
N ILE B 146 -4.25 -17.54 -14.35
CA ILE B 146 -3.79 -17.17 -13.02
C ILE B 146 -4.30 -18.17 -11.99
N VAL B 147 -5.52 -18.67 -12.22
CA VAL B 147 -6.07 -19.76 -11.43
C VAL B 147 -5.64 -21.11 -11.99
N LEU C 6 16.12 -2.23 -11.46
CA LEU C 6 16.66 -3.20 -12.37
C LEU C 6 16.36 -2.84 -13.80
N LEU C 7 15.27 -2.15 -14.11
CA LEU C 7 15.05 -2.02 -15.54
C LEU C 7 15.38 -0.67 -16.16
N ASP C 8 14.47 0.31 -16.13
CA ASP C 8 13.36 0.35 -15.19
C ASP C 8 12.00 0.49 -15.90
N ASP C 9 11.00 0.94 -15.16
CA ASP C 9 9.64 1.05 -15.68
C ASP C 9 9.52 2.15 -16.74
N GLU C 10 8.33 2.27 -17.31
CA GLU C 10 8.02 3.42 -18.12
C GLU C 10 7.14 4.34 -17.30
N LEU C 11 7.24 5.64 -17.54
CA LEU C 11 6.32 6.61 -16.96
C LEU C 11 4.88 6.23 -17.29
N MET C 12 4.02 6.31 -16.27
CA MET C 12 2.59 6.54 -16.45
C MET C 12 2.20 7.62 -17.46
N SER C 13 1.01 7.48 -18.02
CA SER C 13 0.24 8.65 -18.41
C SER C 13 -0.90 8.75 -17.40
N LEU C 14 -0.99 9.89 -16.77
CA LEU C 14 -2.13 10.23 -15.94
C LEU C 14 -1.74 10.36 -14.50
N LEU D 6 -19.50 5.80 -6.78
CA LEU D 6 -20.06 5.20 -5.54
C LEU D 6 -21.26 4.29 -5.82
N LEU D 7 -21.63 4.12 -7.09
CA LEU D 7 -20.71 3.91 -8.20
C LEU D 7 -19.36 3.22 -8.03
N ASP D 8 -19.43 1.89 -8.11
CA ASP D 8 -18.27 1.03 -7.98
C ASP D 8 -17.45 1.09 -9.27
N ASP D 9 -16.14 0.92 -9.14
CA ASP D 9 -15.24 0.82 -10.29
C ASP D 9 -15.59 -0.37 -11.20
N GLU D 10 -14.74 -0.62 -12.19
CA GLU D 10 -14.78 -1.83 -13.01
C GLU D 10 -13.67 -2.77 -12.60
N LEU D 11 -13.79 -4.03 -13.03
CA LEU D 11 -12.59 -4.82 -13.38
C LEU D 11 -11.76 -3.98 -14.34
N MET D 12 -10.49 -3.73 -14.04
CA MET D 12 -9.36 -4.59 -14.41
C MET D 12 -9.69 -5.85 -15.22
N SER D 13 -8.69 -6.60 -15.64
CA SER D 13 -7.82 -6.28 -16.78
C SER D 13 -6.33 -6.48 -16.54
#